data_5UGG
#
_entry.id   5UGG
#
_cell.length_a   49.550
_cell.length_b   39.480
_cell.length_c   62.130
_cell.angle_alpha   90.00
_cell.angle_beta   111.88
_cell.angle_gamma   90.00
#
_symmetry.space_group_name_H-M   'P 1 21 1'
#
loop_
_entity.id
_entity.type
_entity.pdbx_description
1 polymer Plasminogen
2 non-polymer Nalpha-[trans-4-(aminomethyl)cyclohexane-1-carbonyl]-N-octyl-O-[(quinolin-2-yl)methyl]-L-tyrosinamide
3 water water
#
_entity_poly.entity_id   1
_entity_poly.type   'polypeptide(L)'
_entity_poly.pdbx_seq_one_letter_code
;EFAPSFDCGKPQVEPKKCPGRVVGGCVAHPHSWPWQVSLRTRFGMHFCGGTLISPEWVLTAAHCLEKSPRPSSYKVILGA
HQEVNLEPHVQEIEVSRLFLEPTRKDIALLKLSSPAVITDKVIPACLPSPNYVVADRTECFITGWGETQGTFGAGLLKEA
QLPVIENKVCNRYEFLNGRVQSTELCAGHLAGGTDSCQGDSGGPLVCFEKDKYILQGVTSWGLGCARPNKPGVYVRVSRF
VTWIEGVMRNN
;
_entity_poly.pdbx_strand_id   A
#
loop_
_chem_comp.id
_chem_comp.type
_chem_comp.name
_chem_comp.formula
89M non-polymer Nalpha-[trans-4-(aminomethyl)cyclohexane-1-carbonyl]-N-octyl-O-[(quinolin-2-yl)methyl]-L-tyrosinamide 'C35 H48 N4 O3'
#
# COMPACT_ATOMS: atom_id res chain seq x y z
N PRO A 4 -1.83 26.05 1.18
CA PRO A 4 -2.30 25.03 2.12
C PRO A 4 -1.42 23.78 2.08
N SER A 5 -0.39 23.74 2.95
CA SER A 5 0.55 22.61 3.04
CA SER A 5 0.55 22.61 3.04
C SER A 5 0.07 21.56 4.05
N PHE A 6 0.14 20.28 3.65
CA PHE A 6 -0.27 19.17 4.48
C PHE A 6 0.97 18.32 4.77
N ASP A 7 1.20 17.99 6.04
CA ASP A 7 2.32 17.13 6.40
C ASP A 7 2.07 15.70 5.94
N CYS A 8 3.12 15.00 5.51
CA CYS A 8 2.93 13.62 5.13
C CYS A 8 2.43 12.84 6.32
N GLY A 9 1.70 11.77 6.05
CA GLY A 9 1.36 10.81 7.08
C GLY A 9 0.40 11.27 8.16
N LYS A 10 -0.25 12.42 7.97
CA LYS A 10 -1.13 12.98 9.00
C LYS A 10 -2.54 13.10 8.46
N PRO A 11 -3.37 12.06 8.62
CA PRO A 11 -4.75 12.14 8.12
C PRO A 11 -5.53 13.28 8.76
N GLN A 12 -6.36 13.92 7.97
CA GLN A 12 -7.23 14.98 8.45
C GLN A 12 -8.55 14.46 9.01
N VAL A 13 -8.82 13.18 8.79
CA VAL A 13 -9.90 12.43 9.42
C VAL A 13 -9.12 11.36 10.20
N GLU A 14 -9.16 11.39 11.54
CA GLU A 14 -8.38 10.44 12.30
C GLU A 14 -8.95 9.03 12.08
N PRO A 15 -8.11 8.05 11.74
CA PRO A 15 -8.66 6.71 11.49
C PRO A 15 -9.23 6.06 12.74
N LYS A 16 -10.17 5.14 12.51
CA LYS A 16 -10.76 4.32 13.56
C LYS A 16 -9.70 3.57 14.35
N LYS A 17 -8.67 3.06 13.67
CA LYS A 17 -7.65 2.21 14.29
C LYS A 17 -8.33 0.99 14.92
N CYS A 18 -9.28 0.35 14.19
CA CYS A 18 -10.01 -0.79 14.81
C CYS A 18 -9.05 -1.89 15.17
N PRO A 19 -9.11 -2.36 16.43
CA PRO A 19 -8.17 -3.40 16.86
C PRO A 19 -8.46 -4.80 16.35
N VAL A 22 -9.40 -6.75 2.30
CA VAL A 22 -9.08 -6.88 3.74
C VAL A 22 -10.08 -7.78 4.46
N VAL A 23 -9.58 -8.80 5.18
CA VAL A 23 -10.37 -9.73 5.99
C VAL A 23 -10.22 -9.25 7.42
N GLY A 24 -11.37 -9.18 8.12
CA GLY A 24 -11.40 -8.66 9.47
C GLY A 24 -11.23 -7.16 9.39
N GLY A 25 -10.77 -6.56 10.47
CA GLY A 25 -10.64 -5.13 10.54
C GLY A 25 -12.00 -4.47 10.44
N CYS A 26 -12.06 -3.37 9.73
CA CYS A 26 -13.29 -2.58 9.65
C CYS A 26 -13.29 -1.72 8.43
N VAL A 27 -14.44 -1.14 8.12
CA VAL A 27 -14.52 -0.14 7.08
C VAL A 27 -13.88 1.13 7.67
N ALA A 28 -12.99 1.76 6.94
CA ALA A 28 -12.34 2.96 7.44
C ALA A 28 -13.32 4.11 7.44
N HIS A 29 -13.03 5.13 8.28
CA HIS A 29 -13.71 6.39 8.11
C HIS A 29 -13.30 6.89 6.72
N PRO A 30 -14.20 7.42 5.89
CA PRO A 30 -13.79 7.93 4.58
C PRO A 30 -12.68 8.97 4.71
N HIS A 31 -11.65 8.80 3.88
CA HIS A 31 -10.55 9.75 3.75
C HIS A 31 -9.64 9.81 4.96
N SER A 32 -9.68 8.78 5.80
CA SER A 32 -8.75 8.68 6.91
C SER A 32 -7.43 8.03 6.54
N TRP A 33 -7.31 7.52 5.29
CA TRP A 33 -6.03 6.95 4.80
C TRP A 33 -5.79 7.64 3.46
N PRO A 34 -5.45 8.94 3.48
CA PRO A 34 -5.51 9.76 2.27
C PRO A 34 -4.43 9.51 1.23
N TRP A 35 -3.48 8.64 1.57
CA TRP A 35 -2.43 8.21 0.64
C TRP A 35 -2.84 6.94 -0.10
N GLN A 36 -3.95 6.29 0.30
CA GLN A 36 -4.31 5.05 -0.37
C GLN A 36 -4.79 5.32 -1.77
N VAL A 37 -4.23 4.64 -2.74
CA VAL A 37 -4.71 4.79 -4.10
C VAL A 37 -5.18 3.44 -4.63
N SER A 38 -6.00 3.52 -5.67
CA SER A 38 -6.47 2.36 -6.40
C SER A 38 -5.83 2.40 -7.78
N LEU A 39 -5.13 1.31 -8.16
CA LEU A 39 -4.51 1.20 -9.46
CA LEU A 39 -4.53 1.17 -9.49
C LEU A 39 -5.51 0.46 -10.35
N ARG A 40 -5.84 1.07 -11.48
CA ARG A 40 -6.88 0.58 -12.35
C ARG A 40 -6.50 0.45 -13.79
N THR A 41 -7.24 -0.39 -14.48
CA THR A 41 -7.09 -0.51 -15.93
C THR A 41 -7.63 0.82 -16.55
N ARG A 42 -7.37 1.07 -17.85
CA ARG A 42 -7.87 2.27 -18.56
C ARG A 42 -9.41 2.31 -18.54
N PHE A 43 -10.05 1.15 -18.37
CA PHE A 43 -11.51 1.01 -18.28
C PHE A 43 -12.05 1.11 -16.83
N GLY A 44 -11.17 1.42 -15.89
CA GLY A 44 -11.58 1.70 -14.51
C GLY A 44 -11.74 0.52 -13.59
N MET A 45 -11.09 -0.61 -13.89
CA MET A 45 -11.20 -1.76 -12.99
CA MET A 45 -11.19 -1.77 -13.00
CA MET A 45 -11.14 -1.84 -13.08
C MET A 45 -10.04 -1.85 -12.03
N HIS A 46 -10.38 -1.89 -10.74
CA HIS A 46 -9.41 -2.00 -9.67
C HIS A 46 -8.65 -3.33 -9.77
N PHE A 47 -7.32 -3.29 -9.65
CA PHE A 47 -6.57 -4.53 -9.59
C PHE A 47 -5.47 -4.51 -8.55
N CYS A 48 -5.13 -3.34 -7.99
CA CYS A 48 -4.07 -3.25 -6.98
C CYS A 48 -4.26 -2.01 -6.16
N GLY A 49 -3.64 -2.00 -5.00
CA GLY A 49 -3.48 -0.76 -4.26
C GLY A 49 -2.16 -0.11 -4.62
N GLY A 50 -1.95 1.06 -4.04
CA GLY A 50 -0.71 1.79 -4.11
C GLY A 50 -0.72 2.86 -3.03
N THR A 51 0.40 3.53 -2.86
CA THR A 51 0.54 4.57 -1.84
C THR A 51 1.11 5.80 -2.50
N LEU A 52 0.43 6.94 -2.32
CA LEU A 52 0.96 8.20 -2.79
C LEU A 52 2.09 8.58 -1.84
N ILE A 53 3.29 8.86 -2.41
CA ILE A 53 4.45 9.22 -1.58
C ILE A 53 4.94 10.63 -1.86
N SER A 54 4.41 11.27 -2.90
CA SER A 54 4.73 12.64 -3.30
CA SER A 54 4.65 12.67 -3.22
C SER A 54 3.62 13.00 -4.27
N PRO A 55 3.38 14.29 -4.61
CA PRO A 55 2.30 14.56 -5.57
C PRO A 55 2.40 13.84 -6.90
N GLU A 56 3.62 13.52 -7.37
CA GLU A 56 3.75 12.87 -8.68
C GLU A 56 4.14 11.39 -8.61
N TRP A 57 4.23 10.79 -7.41
CA TRP A 57 4.77 9.45 -7.28
C TRP A 57 3.94 8.53 -6.44
N VAL A 58 3.70 7.34 -6.96
CA VAL A 58 2.97 6.28 -6.27
C VAL A 58 3.87 5.07 -6.15
N LEU A 59 3.93 4.50 -4.97
CA LEU A 59 4.66 3.27 -4.72
C LEU A 59 3.68 2.11 -4.73
N THR A 60 4.03 1.01 -5.41
CA THR A 60 3.18 -0.16 -5.49
C THR A 60 4.03 -1.41 -5.57
N ALA A 61 3.40 -2.58 -5.76
CA ALA A 61 4.13 -3.83 -5.92
C ALA A 61 4.48 -4.00 -7.39
N ALA A 62 5.69 -4.49 -7.68
CA ALA A 62 6.09 -4.72 -9.07
C ALA A 62 5.16 -5.72 -9.76
N HIS A 63 4.62 -6.70 -9.03
CA HIS A 63 3.75 -7.68 -9.68
C HIS A 63 2.46 -7.06 -10.21
N CYS A 64 2.08 -5.89 -9.71
CA CYS A 64 0.91 -5.18 -10.23
C CYS A 64 1.12 -4.66 -11.64
N LEU A 65 2.39 -4.51 -12.03
CA LEU A 65 2.75 -3.90 -13.30
C LEU A 65 3.41 -4.82 -14.26
N GLU A 66 3.65 -6.06 -13.86
CA GLU A 66 4.48 -6.92 -14.68
C GLU A 66 3.86 -7.35 -16.03
N LYS A 67 2.52 -7.30 -16.19
N LYS A 67 2.50 -7.30 -16.21
CA LYS A 67 1.86 -7.68 -17.45
CA LYS A 67 1.83 -7.71 -17.46
C LYS A 67 2.04 -6.66 -18.55
C LYS A 67 1.90 -6.64 -18.57
N SER A 68 2.09 -5.37 -18.19
CA SER A 68 2.16 -4.33 -19.19
C SER A 68 3.20 -3.32 -18.87
N PRO A 69 4.13 -3.09 -19.82
CA PRO A 69 5.11 -2.00 -19.59
C PRO A 69 4.55 -0.69 -20.17
N ARG A 70 3.28 -0.67 -20.68
CA ARG A 70 2.70 0.50 -21.29
CA ARG A 70 2.67 0.49 -21.29
C ARG A 70 2.04 1.38 -20.23
N PRO A 71 2.54 2.62 -20.00
CA PRO A 71 1.91 3.46 -18.96
C PRO A 71 0.43 3.72 -19.20
N SER A 72 -0.02 3.75 -20.48
CA SER A 72 -1.41 3.92 -20.90
C SER A 72 -2.31 2.78 -20.41
N SER A 73 -1.71 1.65 -19.98
CA SER A 73 -2.53 0.54 -19.43
C SER A 73 -3.09 0.88 -18.06
N TYR A 74 -2.57 1.96 -17.44
CA TYR A 74 -2.90 2.20 -16.05
C TYR A 74 -3.37 3.60 -15.72
N LYS A 75 -4.24 3.69 -14.74
CA LYS A 75 -4.62 4.96 -14.16
C LYS A 75 -4.72 4.81 -12.66
N VAL A 76 -4.54 5.91 -11.96
N VAL A 76 -4.46 5.90 -11.95
CA VAL A 76 -4.51 5.94 -10.51
CA VAL A 76 -4.51 5.93 -10.50
C VAL A 76 -5.65 6.78 -9.96
C VAL A 76 -5.74 6.72 -10.05
N ILE A 77 -6.41 6.18 -9.04
CA ILE A 77 -7.58 6.80 -8.41
C ILE A 77 -7.19 7.24 -7.01
N LEU A 78 -7.30 8.54 -6.75
CA LEU A 78 -6.92 9.15 -5.48
CA LEU A 78 -6.91 9.19 -5.49
C LEU A 78 -8.12 9.81 -4.80
N GLY A 79 -8.13 9.73 -3.48
CA GLY A 79 -9.18 10.32 -2.67
C GLY A 79 -10.42 9.49 -2.52
N ALA A 80 -10.39 8.24 -2.95
CA ALA A 80 -11.61 7.44 -2.95
C ALA A 80 -11.94 6.78 -1.62
N HIS A 81 -13.24 6.45 -1.49
CA HIS A 81 -13.69 5.61 -0.38
C HIS A 81 -14.46 4.42 -0.96
N GLN A 82 -15.47 4.69 -1.78
CA GLN A 82 -16.21 3.63 -2.45
CA GLN A 82 -16.20 3.62 -2.46
C GLN A 82 -15.40 3.20 -3.66
N GLU A 83 -15.33 1.88 -3.93
CA GLU A 83 -14.63 1.38 -5.09
C GLU A 83 -15.41 1.72 -6.38
N VAL A 84 -16.72 1.48 -6.39
CA VAL A 84 -17.49 1.58 -7.62
C VAL A 84 -17.98 3.00 -7.89
N ASN A 85 -18.80 3.53 -7.00
CA ASN A 85 -19.34 4.87 -7.19
C ASN A 85 -18.39 5.91 -6.61
N LEU A 86 -17.39 6.30 -7.41
CA LEU A 86 -16.36 7.22 -6.94
C LEU A 86 -16.95 8.56 -6.52
N GLU A 87 -16.41 9.12 -5.44
CA GLU A 87 -16.84 10.40 -4.90
C GLU A 87 -16.52 11.54 -5.86
N PRO A 88 -17.27 12.66 -5.79
CA PRO A 88 -17.07 13.75 -6.77
C PRO A 88 -15.68 14.35 -6.82
N HIS A 89 -14.97 14.38 -5.70
CA HIS A 89 -13.64 14.96 -5.62
C HIS A 89 -12.53 14.01 -6.07
N VAL A 90 -12.85 12.74 -6.37
CA VAL A 90 -11.81 11.78 -6.71
C VAL A 90 -11.01 12.23 -7.93
N GLN A 91 -9.71 12.09 -7.85
CA GLN A 91 -8.83 12.38 -8.96
C GLN A 91 -8.47 11.09 -9.67
N GLU A 92 -8.56 11.09 -10.99
CA GLU A 92 -8.16 9.97 -11.83
C GLU A 92 -7.02 10.47 -12.68
N ILE A 93 -5.82 9.92 -12.50
CA ILE A 93 -4.63 10.41 -13.19
C ILE A 93 -3.95 9.30 -13.93
N GLU A 94 -3.67 9.52 -15.21
CA GLU A 94 -2.97 8.54 -16.05
C GLU A 94 -1.51 8.41 -15.60
N VAL A 95 -0.95 7.21 -15.72
CA VAL A 95 0.44 6.99 -15.39
C VAL A 95 1.31 7.44 -16.57
N SER A 96 2.45 8.10 -16.29
CA SER A 96 3.38 8.56 -17.29
CA SER A 96 3.36 8.54 -17.33
C SER A 96 4.50 7.56 -17.52
N ARG A 97 5.10 7.06 -16.45
CA ARG A 97 6.23 6.14 -16.56
CA ARG A 97 6.19 6.11 -16.58
C ARG A 97 6.21 5.15 -15.42
N LEU A 98 6.77 3.96 -15.67
CA LEU A 98 6.90 2.88 -14.68
CA LEU A 98 6.91 2.85 -14.73
C LEU A 98 8.36 2.69 -14.38
N PHE A 99 8.68 2.42 -13.11
CA PHE A 99 10.04 2.16 -12.70
C PHE A 99 10.04 0.95 -11.80
N LEU A 100 10.48 -0.19 -12.33
CA LEU A 100 10.55 -1.42 -11.56
C LEU A 100 11.86 -1.44 -10.76
N GLU A 101 11.81 -1.96 -9.52
CA GLU A 101 13.03 -2.05 -8.74
C GLU A 101 14.03 -2.95 -9.50
N PRO A 102 15.30 -2.51 -9.63
CA PRO A 102 16.21 -3.17 -10.56
C PRO A 102 16.72 -4.55 -10.16
N THR A 103 16.65 -4.93 -8.90
CA THR A 103 17.06 -6.26 -8.45
C THR A 103 15.88 -7.23 -8.46
N ARG A 104 14.76 -6.80 -9.08
CA ARG A 104 13.57 -7.62 -9.30
CA ARG A 104 13.52 -7.52 -9.32
C ARG A 104 12.80 -7.92 -8.03
N LYS A 105 12.94 -7.08 -6.99
CA LYS A 105 12.15 -7.25 -5.78
C LYS A 105 10.72 -6.73 -6.11
N ASP A 106 9.76 -7.05 -5.26
CA ASP A 106 8.36 -6.81 -5.57
C ASP A 106 7.88 -5.40 -5.27
N ILE A 107 8.60 -4.39 -5.79
CA ILE A 107 8.26 -3.00 -5.50
C ILE A 107 8.55 -2.16 -6.74
N ALA A 108 7.75 -1.12 -6.96
CA ALA A 108 7.87 -0.33 -8.15
C ALA A 108 7.29 1.04 -7.91
N LEU A 109 7.72 1.99 -8.73
CA LEU A 109 7.19 3.35 -8.72
C LEU A 109 6.45 3.65 -9.99
N LEU A 110 5.40 4.43 -9.84
CA LEU A 110 4.64 5.01 -10.93
C LEU A 110 4.80 6.50 -10.85
N LYS A 111 5.24 7.11 -11.95
CA LYS A 111 5.23 8.57 -12.03
C LYS A 111 3.91 8.94 -12.71
N LEU A 112 3.17 9.83 -12.07
CA LEU A 112 1.90 10.28 -12.59
C LEU A 112 2.08 11.29 -13.72
N SER A 113 1.16 11.30 -14.69
CA SER A 113 1.27 12.24 -15.81
CA SER A 113 1.21 12.23 -15.83
C SER A 113 1.11 13.69 -15.38
N SER A 114 0.42 13.92 -14.25
CA SER A 114 0.21 15.23 -13.66
CA SER A 114 0.31 15.24 -13.66
C SER A 114 0.32 15.07 -12.17
N PRO A 115 0.76 16.09 -11.40
CA PRO A 115 0.78 15.93 -9.96
C PRO A 115 -0.63 15.86 -9.42
N ALA A 116 -0.81 15.04 -8.39
CA ALA A 116 -2.07 15.01 -7.67
C ALA A 116 -2.20 16.35 -6.96
N VAL A 117 -3.43 16.84 -6.82
CA VAL A 117 -3.71 18.03 -6.04
C VAL A 117 -3.85 17.54 -4.59
N ILE A 118 -3.02 18.09 -3.70
CA ILE A 118 -2.99 17.69 -2.31
C ILE A 118 -4.07 18.44 -1.57
N THR A 119 -4.95 17.71 -0.91
CA THR A 119 -6.11 18.26 -0.22
C THR A 119 -6.25 17.54 1.11
N ASP A 120 -7.30 17.85 1.86
CA ASP A 120 -7.53 17.13 3.09
C ASP A 120 -7.92 15.66 2.89
N LYS A 121 -8.09 15.21 1.62
CA LYS A 121 -8.47 13.83 1.30
C LYS A 121 -7.42 13.10 0.45
N VAL A 122 -6.37 13.83 0.02
CA VAL A 122 -5.33 13.26 -0.85
C VAL A 122 -4.00 13.82 -0.32
N ILE A 123 -3.25 12.99 0.44
CA ILE A 123 -2.06 13.41 1.14
C ILE A 123 -1.07 12.28 1.06
N PRO A 124 0.22 12.55 0.82
CA PRO A 124 1.18 11.45 0.79
C PRO A 124 1.47 10.83 2.15
N ALA A 125 1.84 9.54 2.14
CA ALA A 125 2.37 8.88 3.30
C ALA A 125 3.83 9.32 3.46
N CYS A 126 4.39 9.17 4.67
CA CYS A 126 5.81 9.47 4.90
C CYS A 126 6.62 8.23 4.60
N LEU A 127 7.81 8.41 4.05
CA LEU A 127 8.74 7.31 3.85
C LEU A 127 9.52 7.10 5.14
N PRO A 128 9.95 5.86 5.37
CA PRO A 128 10.80 5.60 6.54
C PRO A 128 12.22 6.07 6.30
N SER A 129 13.03 6.07 7.36
CA SER A 129 14.45 6.36 7.21
C SER A 129 15.12 5.13 6.55
N PRO A 130 16.20 5.33 5.80
CA PRO A 130 16.83 4.20 5.15
C PRO A 130 17.22 3.09 6.12
N ASN A 131 16.83 1.88 5.75
CA ASN A 131 17.18 0.65 6.47
C ASN A 131 16.60 0.54 7.88
N TYR A 132 15.62 1.37 8.20
CA TYR A 132 14.89 1.28 9.47
C TYR A 132 14.33 -0.15 9.64
N VAL A 133 14.42 -0.68 10.86
CA VAL A 133 13.86 -2.01 11.10
C VAL A 133 12.64 -1.84 11.99
N VAL A 134 11.45 -2.27 11.55
CA VAL A 134 10.27 -2.22 12.42
C VAL A 134 10.38 -3.36 13.43
N ALA A 135 10.41 -3.02 14.70
CA ALA A 135 10.60 -4.01 15.75
C ALA A 135 9.43 -4.95 15.90
N ASP A 136 9.74 -6.15 16.38
CA ASP A 136 8.73 -7.15 16.67
C ASP A 136 7.61 -6.55 17.49
N ARG A 137 6.38 -6.88 17.14
CA ARG A 137 5.13 -6.55 17.84
C ARG A 137 4.65 -5.11 17.63
N THR A 138 5.34 -4.33 16.78
CA THR A 138 4.88 -2.97 16.50
C THR A 138 3.51 -3.05 15.84
N GLU A 139 2.57 -2.24 16.32
CA GLU A 139 1.24 -2.20 15.74
C GLU A 139 1.20 -1.33 14.49
N CYS A 140 0.75 -1.93 13.39
CA CYS A 140 0.67 -1.27 12.11
C CYS A 140 -0.71 -1.50 11.51
N PHE A 141 -0.98 -0.85 10.38
CA PHE A 141 -2.25 -0.98 9.70
C PHE A 141 -2.03 -1.22 8.24
N ILE A 142 -2.91 -2.04 7.68
CA ILE A 142 -3.01 -2.23 6.24
CA ILE A 142 -3.00 -2.27 6.25
C ILE A 142 -4.36 -1.74 5.78
N THR A 143 -4.42 -1.27 4.56
CA THR A 143 -5.67 -0.76 4.00
C THR A 143 -5.85 -1.25 2.57
N GLY A 144 -7.09 -1.28 2.13
CA GLY A 144 -7.35 -1.61 0.74
C GLY A 144 -8.78 -1.99 0.45
N TRP A 145 -9.02 -2.28 -0.82
CA TRP A 145 -10.33 -2.68 -1.35
C TRP A 145 -10.35 -4.15 -1.74
N GLY A 146 -9.42 -4.94 -1.23
CA GLY A 146 -9.36 -6.35 -1.55
C GLY A 146 -10.49 -7.16 -0.94
N GLU A 147 -10.48 -8.47 -1.18
CA GLU A 147 -11.62 -9.25 -0.67
C GLU A 147 -11.65 -9.43 0.86
N THR A 148 -12.88 -9.70 1.40
CA THR A 148 -13.19 -9.66 2.81
C THR A 148 -13.50 -10.99 3.53
N GLN A 149 -13.63 -12.07 2.79
CA GLN A 149 -13.87 -13.41 3.36
C GLN A 149 -14.92 -13.43 4.52
N GLY A 150 -16.10 -12.87 4.25
CA GLY A 150 -17.23 -12.82 5.17
C GLY A 150 -17.16 -11.85 6.33
N THR A 151 -16.25 -10.86 6.25
CA THR A 151 -16.09 -9.97 7.39
C THR A 151 -16.69 -8.59 7.19
N PHE A 152 -17.51 -8.42 6.14
CA PHE A 152 -18.20 -7.15 5.91
CA PHE A 152 -18.20 -7.17 5.80
C PHE A 152 -17.32 -6.09 5.29
N GLY A 153 -17.94 -5.22 4.52
CA GLY A 153 -17.28 -4.07 3.95
C GLY A 153 -16.81 -4.15 2.52
N ALA A 154 -17.23 -5.17 1.76
CA ALA A 154 -16.86 -5.24 0.34
C ALA A 154 -17.30 -3.99 -0.40
N GLY A 155 -16.39 -3.42 -1.19
CA GLY A 155 -16.72 -2.24 -1.96
C GLY A 155 -16.34 -0.93 -1.31
N LEU A 156 -15.89 -0.97 -0.04
CA LEU A 156 -15.49 0.22 0.73
C LEU A 156 -14.08 0.07 1.18
N LEU A 157 -13.37 1.17 1.36
CA LEU A 157 -12.01 1.06 1.85
C LEU A 157 -12.01 0.51 3.28
N LYS A 158 -11.22 -0.55 3.51
CA LYS A 158 -11.10 -1.16 4.82
C LYS A 158 -9.71 -0.99 5.36
N GLU A 159 -9.60 -1.15 6.67
CA GLU A 159 -8.33 -1.16 7.38
C GLU A 159 -8.29 -2.36 8.29
N ALA A 160 -7.08 -2.78 8.67
CA ALA A 160 -6.90 -3.84 9.66
C ALA A 160 -5.62 -3.58 10.42
N GLN A 161 -5.68 -3.75 11.73
CA GLN A 161 -4.52 -3.60 12.61
CA GLN A 161 -4.52 -3.60 12.61
C GLN A 161 -3.78 -4.90 12.63
N LEU A 162 -2.51 -4.86 12.29
CA LEU A 162 -1.69 -6.07 12.28
C LEU A 162 -0.39 -5.79 13.02
N PRO A 163 0.00 -6.62 14.00
CA PRO A 163 1.32 -6.42 14.59
C PRO A 163 2.39 -7.02 13.67
N VAL A 164 3.56 -6.36 13.61
CA VAL A 164 4.70 -6.89 12.90
C VAL A 164 5.22 -8.11 13.66
N ILE A 165 5.66 -9.11 12.92
CA ILE A 165 6.28 -10.33 13.45
C ILE A 165 7.68 -10.30 12.90
N GLU A 166 8.68 -10.17 13.77
CA GLU A 166 10.05 -10.10 13.32
C GLU A 166 10.40 -11.29 12.42
N ASN A 167 11.26 -11.05 11.45
CA ASN A 167 11.56 -12.07 10.43
C ASN A 167 11.99 -13.41 11.00
N LYS A 168 12.83 -13.40 12.03
CA LYS A 168 13.32 -14.65 12.61
C LYS A 168 12.17 -15.48 13.21
N VAL A 169 11.13 -14.83 13.69
CA VAL A 169 9.95 -15.53 14.17
C VAL A 169 9.10 -15.96 13.00
N CYS A 170 8.88 -15.04 12.07
CA CYS A 170 8.05 -15.32 10.92
C CYS A 170 8.54 -16.50 10.10
N ASN A 171 9.86 -16.70 10.09
CA ASN A 171 10.45 -17.77 9.32
C ASN A 171 10.42 -19.12 10.01
N ARG A 172 9.89 -19.20 11.25
CA ARG A 172 9.81 -20.50 11.90
C ARG A 172 8.91 -21.45 11.11
N TYR A 173 9.13 -22.75 11.30
CA TYR A 173 8.40 -23.81 10.62
C TYR A 173 6.89 -23.62 10.68
N GLU A 174 6.36 -23.27 11.87
CA GLU A 174 4.94 -23.09 12.17
CA GLU A 174 4.91 -23.12 12.06
C GLU A 174 4.31 -21.96 11.32
N PHE A 175 5.15 -21.01 10.90
CA PHE A 175 4.69 -19.84 10.16
C PHE A 175 5.07 -19.95 8.70
N LEU A 176 6.12 -19.24 8.24
CA LEU A 176 6.45 -19.25 6.82
C LEU A 176 7.69 -20.05 6.46
N ASN A 177 8.29 -20.75 7.41
CA ASN A 177 9.28 -21.80 7.14
C ASN A 177 10.40 -21.37 6.19
N GLY A 178 11.02 -20.26 6.54
CA GLY A 178 12.23 -19.76 5.92
C GLY A 178 12.05 -18.84 4.74
N ARG A 179 10.85 -18.77 4.18
CA ARG A 179 10.64 -18.07 2.92
C ARG A 179 10.94 -16.59 2.91
N VAL A 180 10.80 -15.91 4.06
CA VAL A 180 10.88 -14.45 4.11
C VAL A 180 12.29 -13.94 4.01
N GLN A 181 12.51 -12.97 3.09
CA GLN A 181 13.81 -12.37 2.85
C GLN A 181 14.03 -11.16 3.74
N SER A 182 15.28 -10.71 3.86
CA SER A 182 15.57 -9.54 4.69
C SER A 182 14.91 -8.28 4.15
N THR A 183 14.62 -8.26 2.85
CA THR A 183 13.97 -7.14 2.18
C THR A 183 12.46 -7.24 2.24
N GLU A 184 11.94 -8.15 3.10
CA GLU A 184 10.53 -8.31 3.37
C GLU A 184 10.32 -8.22 4.87
N LEU A 185 9.07 -7.99 5.27
CA LEU A 185 8.66 -8.05 6.66
C LEU A 185 7.33 -8.79 6.73
N CYS A 186 6.99 -9.26 7.93
CA CYS A 186 5.76 -9.98 8.20
C CYS A 186 4.87 -9.21 9.12
N ALA A 187 3.56 -9.36 8.94
CA ALA A 187 2.62 -8.76 9.87
C ALA A 187 1.35 -9.58 9.90
N GLY A 188 0.79 -9.78 11.07
CA GLY A 188 -0.43 -10.54 11.15
C GLY A 188 -0.76 -10.98 12.55
N HIS A 189 -1.97 -11.49 12.72
CA HIS A 189 -2.43 -12.06 13.98
C HIS A 189 -2.36 -13.54 13.77
N LEU A 190 -1.58 -14.19 14.59
CA LEU A 190 -1.32 -15.60 14.44
C LEU A 190 -2.53 -16.49 14.71
N ALA A 191 -3.59 -15.98 15.40
CA ALA A 191 -4.83 -16.75 15.53
C ALA A 191 -5.63 -16.67 14.21
N GLY A 192 -5.16 -15.82 13.30
CA GLY A 192 -5.80 -15.60 12.00
C GLY A 192 -7.00 -14.70 12.12
N GLY A 193 -7.77 -14.62 11.04
CA GLY A 193 -9.02 -13.86 10.98
C GLY A 193 -8.91 -12.44 10.46
N THR A 194 -7.69 -11.84 10.49
CA THR A 194 -7.50 -10.45 10.05
C THR A 194 -6.32 -10.44 9.09
N ASP A 195 -6.49 -9.91 7.85
CA ASP A 195 -5.35 -9.92 6.91
C ASP A 195 -5.65 -9.13 5.67
N SER A 196 -4.60 -8.80 4.90
CA SER A 196 -4.76 -8.29 3.54
C SER A 196 -5.08 -9.49 2.67
N CYS A 197 -5.80 -9.27 1.57
CA CYS A 197 -6.24 -10.36 0.73
C CYS A 197 -6.27 -9.93 -0.74
N GLN A 198 -6.71 -10.82 -1.65
CA GLN A 198 -6.63 -10.51 -3.09
C GLN A 198 -7.23 -9.17 -3.42
N GLY A 199 -6.46 -8.32 -4.09
CA GLY A 199 -6.91 -6.98 -4.44
C GLY A 199 -6.32 -5.92 -3.54
N ASP A 200 -5.65 -6.34 -2.46
CA ASP A 200 -4.94 -5.42 -1.56
C ASP A 200 -3.49 -5.24 -1.92
N SER A 201 -2.92 -6.16 -2.72
CA SER A 201 -1.51 -6.06 -3.02
C SER A 201 -1.15 -4.75 -3.68
N GLY A 202 0.06 -4.31 -3.41
CA GLY A 202 0.55 -3.01 -3.85
C GLY A 202 0.23 -1.89 -2.88
N GLY A 203 -0.76 -2.08 -1.99
CA GLY A 203 -1.15 -1.08 -1.03
C GLY A 203 -0.19 -0.99 0.16
N PRO A 204 -0.52 -0.04 1.05
CA PRO A 204 0.36 0.26 2.19
C PRO A 204 0.21 -0.63 3.39
N LEU A 205 1.32 -0.74 4.11
CA LEU A 205 1.39 -1.13 5.50
C LEU A 205 2.05 0.06 6.17
N VAL A 206 1.31 0.75 7.04
CA VAL A 206 1.79 1.94 7.74
C VAL A 206 1.88 1.68 9.23
N CYS A 207 2.84 2.33 9.89
CA CYS A 207 2.98 2.19 11.32
C CYS A 207 3.08 3.57 11.91
N PHE A 208 2.25 3.86 12.93
CA PHE A 208 2.22 5.16 13.58
C PHE A 208 3.43 5.35 14.43
N GLU A 209 4.05 6.51 14.32
CA GLU A 209 5.24 6.83 15.11
C GLU A 209 5.08 8.25 15.65
N LYS A 210 4.68 8.36 16.94
CA LYS A 210 4.51 9.61 17.70
C LYS A 210 3.34 10.50 17.23
N ASP A 211 3.35 10.97 15.96
CA ASP A 211 2.31 11.87 15.46
C ASP A 211 2.00 11.71 13.97
N LYS A 212 2.48 10.61 13.35
CA LYS A 212 2.25 10.41 11.92
C LYS A 212 2.44 8.97 11.54
N TYR A 213 1.91 8.62 10.39
CA TYR A 213 2.03 7.29 9.84
C TYR A 213 3.18 7.21 8.89
N ILE A 214 4.00 6.15 9.04
CA ILE A 214 5.13 5.94 8.15
CA ILE A 214 5.14 5.91 8.17
C ILE A 214 4.90 4.69 7.35
N LEU A 215 5.13 4.77 6.05
CA LEU A 215 4.97 3.62 5.17
C LEU A 215 6.12 2.63 5.34
N GLN A 216 5.85 1.49 5.98
CA GLN A 216 6.89 0.51 6.23
C GLN A 216 6.83 -0.69 5.32
N GLY A 217 5.67 -0.97 4.77
CA GLY A 217 5.53 -2.13 3.90
C GLY A 217 4.69 -1.87 2.67
N VAL A 218 4.90 -2.72 1.65
CA VAL A 218 4.06 -2.78 0.46
C VAL A 218 3.46 -4.17 0.46
N THR A 219 2.13 -4.27 0.45
CA THR A 219 1.48 -5.59 0.45
C THR A 219 1.93 -6.42 -0.74
N SER A 220 2.48 -7.60 -0.45
CA SER A 220 3.11 -8.39 -1.48
C SER A 220 2.49 -9.77 -1.68
N TRP A 221 2.57 -10.68 -0.69
CA TRP A 221 2.07 -12.03 -0.90
C TRP A 221 1.74 -12.67 0.42
N GLY A 222 1.15 -13.85 0.36
CA GLY A 222 0.92 -14.66 1.54
C GLY A 222 0.48 -16.04 1.10
N LEU A 223 0.36 -16.93 2.09
CA LEU A 223 -0.16 -18.28 1.88
C LEU A 223 -1.63 -18.18 2.27
N GLY A 224 -2.46 -17.81 1.30
CA GLY A 224 -3.86 -17.50 1.54
C GLY A 224 -4.00 -16.19 2.31
N CYS A 225 -5.19 -15.98 2.87
CA CYS A 225 -5.53 -14.81 3.67
C CYS A 225 -6.05 -15.24 4.99
N ALA A 226 -5.61 -14.57 6.05
CA ALA A 226 -6.17 -14.66 7.39
C ALA A 226 -6.16 -16.06 7.99
N ARG A 227 -5.32 -16.95 7.46
CA ARG A 227 -5.24 -18.29 8.02
C ARG A 227 -4.46 -18.23 9.32
N PRO A 228 -4.81 -19.06 10.33
CA PRO A 228 -3.98 -19.10 11.52
C PRO A 228 -2.54 -19.47 11.15
N ASN A 229 -1.60 -18.85 11.85
CA ASN A 229 -0.16 -19.09 11.66
CA ASN A 229 -0.16 -19.11 11.70
C ASN A 229 0.37 -18.78 10.29
N LYS A 230 -0.33 -17.94 9.52
CA LYS A 230 0.12 -17.63 8.18
C LYS A 230 0.00 -16.12 7.97
N PRO A 231 0.96 -15.37 8.55
CA PRO A 231 0.90 -13.91 8.41
C PRO A 231 1.30 -13.50 7.00
N GLY A 232 0.83 -12.33 6.60
CA GLY A 232 1.19 -11.77 5.31
C GLY A 232 2.60 -11.26 5.24
N VAL A 233 3.08 -11.18 4.00
CA VAL A 233 4.43 -10.71 3.68
C VAL A 233 4.33 -9.43 2.89
N TYR A 234 5.20 -8.48 3.25
CA TYR A 234 5.24 -7.12 2.73
C TYR A 234 6.65 -6.81 2.31
N VAL A 235 6.81 -6.03 1.24
CA VAL A 235 8.15 -5.57 0.94
C VAL A 235 8.56 -4.57 2.02
N ARG A 236 9.80 -4.68 2.51
CA ARG A 236 10.32 -3.80 3.56
C ARG A 236 10.76 -2.50 2.94
N VAL A 237 9.88 -1.49 3.00
CA VAL A 237 10.10 -0.25 2.29
C VAL A 237 11.41 0.41 2.64
N SER A 238 11.84 0.35 3.91
CA SER A 238 13.07 1.02 4.29
C SER A 238 14.29 0.57 3.54
N ARG A 239 14.29 -0.66 3.02
CA ARG A 239 15.45 -1.15 2.27
C ARG A 239 15.49 -0.59 0.85
N PHE A 240 14.44 0.16 0.46
CA PHE A 240 14.33 0.71 -0.89
C PHE A 240 14.24 2.21 -0.90
N VAL A 241 14.36 2.87 0.26
CA VAL A 241 14.25 4.34 0.30
C VAL A 241 15.31 5.02 -0.53
N THR A 242 16.55 4.58 -0.45
CA THR A 242 17.61 5.19 -1.26
CA THR A 242 17.54 5.28 -1.27
C THR A 242 17.29 5.07 -2.76
N TRP A 243 16.81 3.89 -3.18
CA TRP A 243 16.48 3.66 -4.57
C TRP A 243 15.30 4.57 -4.98
N ILE A 244 14.23 4.59 -4.16
CA ILE A 244 13.05 5.42 -4.41
C ILE A 244 13.44 6.88 -4.56
N GLU A 245 14.20 7.41 -3.59
CA GLU A 245 14.65 8.80 -3.64
C GLU A 245 15.45 9.07 -4.89
N GLY A 246 16.31 8.12 -5.29
CA GLY A 246 17.10 8.27 -6.50
C GLY A 246 16.24 8.37 -7.76
N VAL A 247 15.21 7.54 -7.83
CA VAL A 247 14.32 7.57 -8.99
C VAL A 247 13.60 8.93 -9.04
N MET A 248 13.07 9.37 -7.90
CA MET A 248 12.36 10.64 -7.86
CA MET A 248 12.35 10.64 -7.87
C MET A 248 13.29 11.79 -8.23
N ARG A 249 14.54 11.76 -7.74
CA ARG A 249 15.53 12.79 -8.01
CA ARG A 249 15.49 12.83 -8.05
C ARG A 249 15.91 12.83 -9.52
N ASN A 250 15.99 11.64 -10.16
CA ASN A 250 16.40 11.49 -11.55
C ASN A 250 15.31 11.71 -12.56
N ASN A 251 14.08 11.74 -12.12
CA ASN A 251 12.95 11.84 -13.03
C ASN A 251 12.03 12.99 -12.57
CAA 89M B . -8.27 -12.14 -13.95
CAO 89M B . -7.36 -11.57 -12.84
CAQ 89M B . -7.41 -10.04 -12.90
CAR 89M B . -6.73 -9.46 -11.66
CAS 89M B . -7.79 -8.85 -10.71
CAT 89M B . -7.75 -9.53 -9.34
CAU 89M B . -6.66 -8.88 -8.47
CAV 89M B . -6.40 -9.75 -7.23
NBD 89M B . -5.01 -9.53 -6.77
C 89M B . -4.20 -10.52 -6.42
O 89M B . -4.53 -11.74 -6.43
CA 89M B . -2.80 -10.09 -6.06
N 89M B . -2.37 -10.64 -4.75
CBH 89M B . -2.86 -10.11 -3.62
OAD 89M B . -3.69 -9.21 -3.59
CBO 89M B . -2.28 -10.71 -2.34
CAY 89M B . -2.23 -9.66 -1.18
CAW 89M B . -1.62 -10.32 0.08
CBN 89M B . -2.47 -11.54 0.50
CAP 89M B . -1.90 -12.22 1.73
NAB 89M B . -1.91 -11.37 2.93
CAX 89M B . -2.56 -12.57 -0.63
CAZ 89M B . -3.14 -11.93 -1.91
CB 89M B . -1.83 -10.51 -7.18
CG 89M B . -2.17 -9.90 -8.44
CD2 89M B . -2.17 -8.50 -8.55
CE2 89M B . -2.46 -7.86 -9.77
CD1 89M B . -2.51 -10.67 -9.57
CE1 89M B . -2.83 -10.04 -10.79
CZ 89M B . -2.77 -8.64 -10.89
OH 89M B . -3.07 -7.92 -12.03
CBA 89M B . -3.37 -8.57 -13.31
CBK 89M B . -3.35 -7.60 -14.34
NBC 89M B . -3.34 -8.01 -15.63
CBM 89M B . -3.23 -7.14 -16.68
CAM 89M B . -3.27 -7.61 -18.00
CAF 89M B . -3.12 -6.73 -19.08
CAE 89M B . -3.03 -5.35 -18.84
CAL 89M B . -3.05 -4.85 -17.53
CBL 89M B . -3.12 -5.77 -16.45
CAN 89M B . -3.20 -5.31 -15.12
CAK 89M B . -3.23 -6.23 -14.07
#